data_6G4H
#
_entry.id   6G4H
#
_cell.length_a   72.470
_cell.length_b   72.470
_cell.length_c   157.530
_cell.angle_alpha   90.00
_cell.angle_beta   90.00
_cell.angle_gamma   90.00
#
_symmetry.space_group_name_H-M   'P 43 21 2'
#
loop_
_entity.id
_entity.type
_entity.pdbx_description
1 polymer 'Protein-glutamine gamma-glutamyltransferase'
2 non-polymer 'PHOSPHATE ION'
3 non-polymer 'ETHYL MERCURY ION'
4 water water
#
_entity_poly.entity_id   1
_entity_poly.type   'polypeptide(L)'
_entity_poly.pdbx_seq_one_letter_code
;MGSDKIHHHHHHHHHHGVRLGPLWSLPMPGNKGVTGLSESMAPGDIAELGRSAELAFRVRFEGALPPREQLYWRALTMER
FDGRRWAQAPQWSGEDALHWQKRGPELRYDVIMQPSSQPWLFALDVAQTDQTDTRLMSDFHLQRRQPVEQRLFYRVSSWP
QALRESSIDPRTRWRNLQLPMHGNPRARALADELRQAHAQPQALVAALLQRFNHEPFAYTLKPPATGADGVDDFLFDTRS
GFCAHYAGAMAFVLRAAGIPARVVAGYQGGELNPAGNYLLVHQFDAHAWVEYWQPEQGWLSVDPTYQVAPERIEQGLEQA
LAGDSEYLADAPLSPLRY
;
_entity_poly.pdbx_strand_id   A
#
loop_
_chem_comp.id
_chem_comp.type
_chem_comp.name
_chem_comp.formula
EMC non-polymer 'ETHYL MERCURY ION' 'C2 H5 Hg 1'
PO4 non-polymer 'PHOSPHATE ION' 'O4 P -3'
#
# COMPACT_ATOMS: atom_id res chain seq x y z
N THR A 35 7.65 12.37 11.30
CA THR A 35 8.47 11.42 12.16
C THR A 35 8.17 9.93 11.87
N GLY A 36 7.05 9.64 11.20
CA GLY A 36 6.70 8.30 10.81
C GLY A 36 5.43 8.44 10.02
N LEU A 37 4.86 7.32 9.67
CA LEU A 37 3.59 7.31 8.97
C LEU A 37 2.46 7.80 9.88
N SER A 38 1.40 8.32 9.30
CA SER A 38 0.25 8.64 10.09
C SER A 38 -1.00 8.06 9.44
N GLU A 39 -2.13 8.33 10.06
CA GLU A 39 -3.39 7.78 9.65
C GLU A 39 -3.88 8.31 8.32
N SER A 40 -3.34 9.46 7.90
CA SER A 40 -3.72 10.12 6.68
CA SER A 40 -3.70 10.14 6.67
C SER A 40 -2.49 10.20 5.77
N MET A 41 -2.71 10.32 4.49
CA MET A 41 -1.62 10.44 3.54
C MET A 41 -2.07 11.46 2.55
N ALA A 42 -1.29 12.52 2.45
CA ALA A 42 -1.24 13.31 1.25
C ALA A 42 0.21 13.16 0.78
N PRO A 43 0.46 13.38 -0.50
CA PRO A 43 1.83 13.22 -1.02
C PRO A 43 2.92 13.97 -0.23
N GLY A 44 2.64 15.18 0.21
CA GLY A 44 3.59 15.95 0.97
C GLY A 44 4.17 15.23 2.20
N ASP A 45 3.36 14.39 2.82
CA ASP A 45 3.79 13.67 4.03
C ASP A 45 4.79 12.60 3.65
N ILE A 46 4.52 11.95 2.54
CA ILE A 46 5.42 10.90 2.07
C ILE A 46 6.74 11.52 1.65
N ALA A 47 6.69 12.68 0.98
CA ALA A 47 7.89 13.35 0.55
C ALA A 47 8.74 13.73 1.75
N GLU A 48 8.10 14.14 2.83
CA GLU A 48 8.84 14.54 4.01
C GLU A 48 9.61 13.30 4.58
N LEU A 49 8.96 12.14 4.58
CA LEU A 49 9.63 10.89 4.99
C LEU A 49 10.78 10.53 4.04
N GLY A 50 10.56 10.77 2.75
CA GLY A 50 11.59 10.60 1.73
C GLY A 50 12.88 11.39 2.00
N ARG A 51 12.79 12.50 2.69
CA ARG A 51 13.98 13.29 3.06
C ARG A 51 14.64 12.94 4.38
N SER A 52 14.04 12.04 5.16
CA SER A 52 14.51 11.71 6.51
C SER A 52 15.34 10.43 6.51
N ALA A 53 16.49 10.52 7.16
CA ALA A 53 17.36 9.40 7.35
C ALA A 53 17.13 8.64 8.63
N GLU A 54 16.10 8.97 9.38
CA GLU A 54 15.80 8.25 10.60
C GLU A 54 15.45 6.80 10.28
N LEU A 55 15.82 5.93 11.20
CA LEU A 55 15.55 4.51 11.10
C LEU A 55 14.14 4.21 11.52
N ALA A 56 13.45 3.39 10.73
CA ALA A 56 12.10 2.95 11.09
C ALA A 56 12.15 1.57 11.84
N PHE A 57 12.86 0.63 11.26
CA PHE A 57 13.05 -0.71 11.83
C PHE A 57 14.20 -1.45 11.14
N ARG A 58 14.57 -2.58 11.76
CA ARG A 58 15.59 -3.51 11.23
C ARG A 58 14.98 -4.88 11.22
N VAL A 59 15.38 -5.72 10.28
CA VAL A 59 14.79 -7.04 10.08
CA VAL A 59 14.79 -7.03 10.16
C VAL A 59 15.87 -8.06 9.82
N ARG A 60 15.75 -9.24 10.42
CA ARG A 60 16.67 -10.35 10.17
C ARG A 60 15.83 -11.58 9.80
N PHE A 61 16.09 -12.13 8.63
CA PHE A 61 15.36 -13.29 8.12
C PHE A 61 15.95 -14.60 8.61
N GLU A 62 15.13 -15.59 8.82
CA GLU A 62 15.63 -16.89 9.23
C GLU A 62 16.46 -17.55 8.14
N GLY A 63 16.01 -17.54 6.91
CA GLY A 63 16.86 -18.07 5.85
C GLY A 63 17.29 -16.96 4.91
N ALA A 64 17.07 -17.20 3.63
CA ALA A 64 17.61 -16.33 2.62
C ALA A 64 16.84 -15.02 2.59
N LEU A 65 17.51 -13.96 2.18
CA LEU A 65 16.88 -12.67 1.97
C LEU A 65 15.96 -12.71 0.74
N PRO A 66 14.67 -12.41 0.88
CA PRO A 66 13.84 -12.33 -0.33
C PRO A 66 14.32 -11.24 -1.29
N PRO A 67 14.05 -11.39 -2.60
CA PRO A 67 14.43 -10.32 -3.53
C PRO A 67 13.69 -9.01 -3.20
N ARG A 68 14.34 -7.91 -3.55
CA ARG A 68 13.90 -6.58 -3.19
C ARG A 68 12.46 -6.34 -3.55
N GLU A 69 12.08 -6.81 -4.71
CA GLU A 69 10.73 -6.61 -5.15
C GLU A 69 9.67 -7.37 -4.37
N GLN A 70 10.03 -8.24 -3.43
CA GLN A 70 9.05 -8.85 -2.51
C GLN A 70 9.01 -8.14 -1.15
N LEU A 71 9.88 -7.17 -0.94
CA LEU A 71 9.99 -6.51 0.36
C LEU A 71 9.09 -5.29 0.49
N TYR A 72 7.80 -5.56 0.58
CA TYR A 72 6.76 -4.57 0.78
C TYR A 72 6.31 -4.69 2.21
N TRP A 73 6.80 -3.78 3.03
CA TRP A 73 6.55 -3.79 4.46
C TRP A 73 5.25 -3.05 4.70
N ARG A 74 4.18 -3.80 4.83
CA ARG A 74 2.86 -3.23 5.05
C ARG A 74 2.70 -2.70 6.47
N ALA A 75 2.24 -1.47 6.56
CA ALA A 75 1.92 -0.84 7.83
C ALA A 75 0.41 -0.72 8.03
N LEU A 76 -0.24 0.03 7.14
CA LEU A 76 -1.70 0.21 7.28
C LEU A 76 -2.33 0.40 5.93
N THR A 77 -3.66 0.29 5.88
CA THR A 77 -4.38 0.70 4.67
C THR A 77 -5.17 1.96 4.86
N MET A 78 -5.37 2.67 3.76
CA MET A 78 -6.17 3.87 3.75
CA MET A 78 -6.21 3.84 3.79
C MET A 78 -7.38 3.65 2.83
N GLU A 79 -8.56 3.58 3.44
CA GLU A 79 -9.81 3.18 2.74
C GLU A 79 -10.79 4.33 2.52
N ARG A 80 -10.47 5.51 3.04
CA ARG A 80 -11.31 6.68 2.86
C ARG A 80 -10.63 7.69 2.02
N PHE A 81 -11.35 8.17 1.00
CA PHE A 81 -10.83 9.24 0.18
C PHE A 81 -11.80 10.40 0.22
N ASP A 82 -11.30 11.57 0.59
CA ASP A 82 -12.19 12.74 0.77
C ASP A 82 -12.08 13.79 -0.30
N GLY A 83 -11.41 13.50 -1.38
CA GLY A 83 -11.15 14.52 -2.37
C GLY A 83 -9.73 15.04 -2.29
N ARG A 84 -9.14 15.06 -1.10
CA ARG A 84 -7.81 15.67 -0.94
C ARG A 84 -6.84 14.60 -0.47
N ARG A 85 -7.24 13.75 0.47
CA ARG A 85 -6.31 12.75 0.89
C ARG A 85 -6.96 11.42 1.21
N TRP A 86 -6.11 10.40 1.25
CA TRP A 86 -6.50 9.04 1.68
C TRP A 86 -6.29 8.93 3.17
N ALA A 87 -7.22 8.30 3.87
CA ALA A 87 -7.12 8.16 5.31
C ALA A 87 -7.59 6.81 5.77
N GLN A 88 -7.08 6.42 6.92
CA GLN A 88 -7.46 5.20 7.59
C GLN A 88 -8.93 5.26 8.02
N ALA A 89 -9.61 4.13 7.90
CA ALA A 89 -10.96 3.93 8.46
C ALA A 89 -10.90 3.00 9.67
N PRO A 90 -11.95 2.97 10.49
CA PRO A 90 -11.95 2.01 11.63
C PRO A 90 -11.96 0.53 11.25
N GLN A 91 -11.18 -0.32 11.94
CA GLN A 91 -11.16 -1.77 11.69
CA GLN A 91 -11.24 -1.78 11.67
C GLN A 91 -11.70 -2.56 12.87
N TRP A 92 -11.92 -3.86 12.63
CA TRP A 92 -12.34 -4.85 13.64
C TRP A 92 -11.44 -6.07 13.38
N SER A 93 -11.56 -7.13 14.19
CA SER A 93 -10.71 -8.34 14.01
C SER A 93 -10.86 -9.13 12.69
N ALA A 97 -14.73 -13.26 12.09
CA ALA A 97 -13.47 -13.77 11.60
C ALA A 97 -13.19 -13.23 10.19
N LEU A 98 -11.96 -12.77 10.01
CA LEU A 98 -11.45 -12.37 8.69
C LEU A 98 -11.14 -13.63 7.88
N HIS A 99 -11.68 -13.73 6.67
CA HIS A 99 -11.48 -14.90 5.83
C HIS A 99 -10.17 -14.75 5.07
N TRP A 100 -9.24 -15.68 5.33
CA TRP A 100 -8.06 -15.83 4.53
C TRP A 100 -7.55 -17.24 4.67
N GLN A 101 -6.69 -17.64 3.76
CA GLN A 101 -6.11 -18.99 3.76
C GLN A 101 -4.62 -18.96 3.49
N LYS A 102 -3.85 -19.60 4.36
CA LYS A 102 -2.42 -19.80 4.14
C LYS A 102 -2.19 -20.66 2.92
N ARG A 103 -1.36 -20.20 2.03
CA ARG A 103 -0.86 -21.03 0.97
C ARG A 103 0.45 -20.45 0.51
N GLY A 104 1.24 -21.25 -0.20
CA GLY A 104 2.54 -20.80 -0.65
C GLY A 104 3.58 -20.76 0.48
N PRO A 105 4.74 -20.23 0.20
CA PRO A 105 5.84 -20.19 1.15
C PRO A 105 5.58 -19.32 2.39
N GLU A 106 6.12 -19.78 3.51
CA GLU A 106 6.08 -19.07 4.77
C GLU A 106 7.47 -18.41 5.00
N LEU A 107 7.49 -17.10 5.22
CA LEU A 107 8.72 -16.36 5.50
C LEU A 107 8.76 -16.08 7.00
N ARG A 108 9.90 -16.32 7.65
CA ARG A 108 10.02 -16.08 9.06
C ARG A 108 11.15 -15.10 9.31
N TYR A 109 10.91 -14.12 10.16
CA TYR A 109 11.90 -13.08 10.42
C TYR A 109 11.63 -12.39 11.77
N ASP A 110 12.64 -11.73 12.28
CA ASP A 110 12.51 -10.94 13.49
C ASP A 110 12.61 -9.48 13.13
N VAL A 111 11.92 -8.64 13.89
CA VAL A 111 11.95 -7.22 13.66
C VAL A 111 12.31 -6.55 14.98
N ILE A 112 13.14 -5.52 14.91
CA ILE A 112 13.25 -4.55 15.99
C ILE A 112 12.84 -3.17 15.48
N MET A 113 11.74 -2.68 16.05
CA MET A 113 11.08 -1.47 15.61
C MET A 113 11.42 -0.28 16.50
N GLN A 114 11.75 0.86 15.89
CA GLN A 114 11.92 2.13 16.60
C GLN A 114 10.53 2.65 17.03
N PRO A 115 10.50 3.44 18.07
CA PRO A 115 9.22 4.11 18.45
C PRO A 115 8.60 4.87 17.26
N SER A 116 7.31 4.66 17.04
CA SER A 116 6.54 5.33 16.00
C SER A 116 5.41 6.22 16.52
N SER A 117 5.06 6.04 17.77
CA SER A 117 3.85 6.63 18.43
C SER A 117 2.55 6.19 17.83
N GLN A 118 2.58 5.08 17.09
CA GLN A 118 1.37 4.54 16.44
C GLN A 118 1.28 3.06 16.80
N PRO A 119 0.07 2.48 16.66
CA PRO A 119 -0.13 1.14 17.13
C PRO A 119 -0.04 0.09 16.03
N TRP A 120 0.46 0.44 14.88
CA TRP A 120 0.61 -0.56 13.85
C TRP A 120 2.02 -1.11 13.82
N LEU A 121 2.13 -2.43 13.55
CA LEU A 121 3.44 -3.09 13.36
C LEU A 121 3.72 -3.35 11.90
N PHE A 122 4.98 -3.30 11.54
CA PHE A 122 5.35 -3.49 10.12
C PHE A 122 5.59 -4.97 9.84
N ALA A 123 5.10 -5.43 8.69
CA ALA A 123 5.32 -6.82 8.30
C ALA A 123 4.91 -7.04 6.86
N LEU A 124 5.51 -8.08 6.26
CA LEU A 124 5.05 -8.52 4.96
C LEU A 124 3.65 -9.10 5.09
N ASP A 125 2.79 -8.81 4.11
CA ASP A 125 1.46 -9.44 4.08
C ASP A 125 1.58 -10.96 3.77
N VAL A 126 0.69 -11.83 4.24
CA VAL A 126 -0.18 -11.66 5.43
C VAL A 126 0.63 -12.12 6.63
N ALA A 127 0.63 -11.34 7.70
CA ALA A 127 1.50 -11.59 8.83
C ALA A 127 0.79 -12.19 10.06
N GLN A 128 1.50 -13.04 10.78
CA GLN A 128 1.17 -13.47 12.13
C GLN A 128 2.38 -13.19 13.02
N THR A 129 2.18 -12.68 14.23
CA THR A 129 3.34 -12.38 15.09
C THR A 129 3.23 -13.15 16.38
N ASP A 130 4.29 -13.10 17.15
CA ASP A 130 4.30 -13.73 18.48
C ASP A 130 3.83 -12.80 19.57
N GLN A 131 3.30 -11.62 19.21
CA GLN A 131 2.88 -10.66 20.22
C GLN A 131 1.43 -10.92 20.56
N THR A 132 1.19 -11.26 21.81
CA THR A 132 -0.17 -11.59 22.22
C THR A 132 -1.09 -10.35 22.32
N ASP A 133 -0.53 -9.13 22.40
CA ASP A 133 -1.33 -7.89 22.43
C ASP A 133 -1.57 -7.29 21.01
N THR A 134 -1.28 -8.05 19.94
CA THR A 134 -1.42 -7.57 18.55
C THR A 134 -2.34 -8.48 17.77
N ARG A 135 -3.17 -7.89 16.90
CA ARG A 135 -4.17 -8.64 16.15
C ARG A 135 -4.07 -8.24 14.69
N LEU A 136 -4.32 -9.21 13.82
CA LEU A 136 -4.51 -8.91 12.42
C LEU A 136 -5.91 -8.35 12.19
N MET A 137 -6.01 -7.12 11.70
CA MET A 137 -7.27 -6.42 11.62
C MET A 137 -7.95 -6.76 10.28
N SER A 138 -9.16 -6.24 10.10
CA SER A 138 -10.02 -6.61 8.97
C SER A 138 -9.46 -6.17 7.59
N ASP A 139 -8.52 -5.24 7.60
CA ASP A 139 -7.77 -4.82 6.38
C ASP A 139 -6.35 -5.42 6.27
N PHE A 140 -6.12 -6.52 6.96
CA PHE A 140 -4.87 -7.27 6.94
C PHE A 140 -3.67 -6.45 7.37
N HIS A 141 -3.87 -5.58 8.36
CA HIS A 141 -2.74 -4.87 9.01
C HIS A 141 -2.71 -5.27 10.48
N LEU A 142 -1.52 -5.19 11.07
CA LEU A 142 -1.33 -5.54 12.47
C LEU A 142 -1.52 -4.36 13.40
N GLN A 143 -2.40 -4.49 14.36
CA GLN A 143 -2.63 -3.47 15.35
C GLN A 143 -2.32 -3.99 16.75
N ARG A 144 -1.47 -3.23 17.39
CA ARG A 144 -1.06 -3.47 18.75
C ARG A 144 -2.00 -2.72 19.70
N ARG A 145 -2.14 -3.22 20.92
CA ARG A 145 -3.05 -2.58 21.88
C ARG A 145 -2.67 -1.13 22.26
N GLN A 146 -1.38 -0.84 22.31
CA GLN A 146 -0.86 0.46 22.62
C GLN A 146 0.07 0.88 21.48
N PRO A 147 0.17 2.16 21.25
CA PRO A 147 1.17 2.69 20.33
C PRO A 147 2.58 2.30 20.76
N VAL A 148 3.44 2.14 19.76
CA VAL A 148 4.83 1.78 19.98
C VAL A 148 5.61 3.00 20.35
N GLU A 149 5.86 3.13 21.65
CA GLU A 149 6.56 4.30 22.21
C GLU A 149 7.99 4.02 22.67
N GLN A 150 8.38 2.75 22.67
CA GLN A 150 9.72 2.33 23.02
C GLN A 150 10.10 1.26 21.97
N ARG A 151 11.40 0.99 21.81
CA ARG A 151 11.86 -0.04 20.89
C ARG A 151 11.10 -1.32 21.19
N LEU A 152 10.82 -2.10 20.16
CA LEU A 152 10.05 -3.33 20.30
C LEU A 152 10.64 -4.42 19.40
N PHE A 153 10.85 -5.59 19.96
CA PHE A 153 11.30 -6.78 19.21
C PHE A 153 10.13 -7.69 19.06
N TYR A 154 9.89 -8.15 17.85
CA TYR A 154 8.85 -9.15 17.60
C TYR A 154 9.23 -10.10 16.52
N ARG A 155 8.63 -11.28 16.55
CA ARG A 155 8.88 -12.30 15.58
C ARG A 155 7.64 -12.47 14.68
N VAL A 156 7.88 -12.74 13.41
CA VAL A 156 6.81 -12.77 12.44
C VAL A 156 6.92 -13.97 11.52
N SER A 157 5.75 -14.50 11.15
CA SER A 157 5.60 -15.42 10.02
C SER A 157 4.67 -14.78 9.03
N SER A 158 5.08 -14.72 7.78
CA SER A 158 4.26 -14.16 6.71
C SER A 158 4.03 -15.13 5.56
N TRP A 159 2.84 -15.05 4.98
CA TRP A 159 2.49 -15.80 3.76
C TRP A 159 2.16 -14.84 2.63
N PRO A 160 3.15 -14.50 1.81
CA PRO A 160 2.93 -13.48 0.80
C PRO A 160 1.93 -13.92 -0.27
N GLN A 161 1.68 -15.22 -0.40
CA GLN A 161 0.75 -15.72 -1.43
CA GLN A 161 0.75 -15.69 -1.43
C GLN A 161 -0.58 -16.13 -0.84
N ALA A 162 -0.85 -15.76 0.41
CA ALA A 162 -2.09 -16.13 1.05
C ALA A 162 -3.27 -15.67 0.22
N LEU A 163 -4.34 -16.46 0.30
CA LEU A 163 -5.61 -16.11 -0.32
C LEU A 163 -6.39 -15.19 0.65
N ARG A 164 -6.69 -13.98 0.21
CA ARG A 164 -7.30 -13.00 1.10
C ARG A 164 -8.76 -12.69 0.69
N GLU A 165 -9.69 -13.06 1.54
CA GLU A 165 -11.09 -12.81 1.32
C GLU A 165 -11.68 -13.26 -0.01
N SER A 166 -11.52 -14.52 -0.36
CA SER A 166 -12.19 -15.03 -1.55
C SER A 166 -13.70 -14.73 -1.48
N SER A 167 -14.27 -14.76 -0.29
CA SER A 167 -15.51 -14.05 0.05
C SER A 167 -15.16 -12.91 0.99
N ILE A 168 -15.82 -11.77 0.80
CA ILE A 168 -15.47 -10.55 1.51
C ILE A 168 -16.55 -10.14 2.50
N ASP A 169 -16.12 -9.56 3.59
CA ASP A 169 -17.06 -8.95 4.54
C ASP A 169 -17.81 -7.81 3.82
N PRO A 170 -19.15 -7.78 3.97
CA PRO A 170 -19.89 -6.74 3.25
C PRO A 170 -19.50 -5.31 3.61
N ARG A 171 -19.15 -5.05 4.88
CA ARG A 171 -18.77 -3.71 5.25
C ARG A 171 -17.51 -3.28 4.48
N THR A 172 -16.62 -4.23 4.32
CA THR A 172 -15.31 -4.01 3.67
C THR A 172 -15.48 -3.75 2.19
N ARG A 173 -16.32 -4.56 1.56
CA ARG A 173 -16.63 -4.35 0.13
C ARG A 173 -17.23 -2.95 -0.09
N TRP A 174 -18.23 -2.62 0.75
CA TRP A 174 -18.90 -1.33 0.61
C TRP A 174 -17.97 -0.12 0.79
N ARG A 175 -17.17 -0.17 1.85
CA ARG A 175 -16.28 0.88 2.22
C ARG A 175 -15.27 1.15 1.11
N ASN A 176 -14.86 0.08 0.44
CA ASN A 176 -13.82 0.18 -0.57
C ASN A 176 -14.31 0.53 -1.96
N LEU A 177 -15.57 0.91 -2.04
CA LEU A 177 -16.14 1.51 -3.24
C LEU A 177 -16.53 3.00 -3.05
N GLN A 178 -16.26 3.57 -1.87
CA GLN A 178 -16.57 4.97 -1.54
C GLN A 178 -15.74 5.99 -2.33
N LEU A 179 -16.41 6.93 -2.96
CA LEU A 179 -15.80 8.16 -3.50
C LEU A 179 -16.75 9.33 -3.29
N PRO A 180 -16.21 10.54 -3.23
CA PRO A 180 -17.04 11.73 -3.24
C PRO A 180 -17.88 11.78 -4.50
N MET A 181 -19.10 12.27 -4.39
CA MET A 181 -19.96 12.37 -5.54
C MET A 181 -19.44 13.38 -6.56
N HIS A 182 -18.85 14.44 -6.07
CA HIS A 182 -18.34 15.51 -6.92
C HIS A 182 -16.82 15.57 -6.87
N GLY A 183 -16.25 16.21 -7.90
CA GLY A 183 -14.79 16.30 -8.04
C GLY A 183 -14.23 15.22 -8.94
N ASN A 184 -13.07 15.54 -9.50
CA ASN A 184 -12.36 14.66 -10.43
C ASN A 184 -13.22 14.06 -11.52
N PRO A 185 -13.98 14.91 -12.25
CA PRO A 185 -14.86 14.30 -13.23
C PRO A 185 -14.14 13.60 -14.39
N ARG A 186 -12.96 14.09 -14.79
CA ARG A 186 -12.26 13.41 -15.91
C ARG A 186 -11.78 12.00 -15.56
N ALA A 187 -11.38 11.82 -14.29
CA ALA A 187 -10.96 10.50 -13.85
C ALA A 187 -12.13 9.56 -13.78
N ARG A 188 -13.28 10.08 -13.33
CA ARG A 188 -14.53 9.30 -13.32
C ARG A 188 -14.93 8.91 -14.74
N ALA A 189 -14.79 9.85 -15.67
CA ALA A 189 -15.08 9.55 -17.09
C ALA A 189 -14.15 8.46 -17.63
N LEU A 190 -12.85 8.54 -17.31
CA LEU A 190 -11.91 7.49 -17.68
C LEU A 190 -12.31 6.14 -17.10
N ALA A 191 -12.71 6.13 -15.82
CA ALA A 191 -13.15 4.90 -15.18
C ALA A 191 -14.34 4.28 -15.91
N ASP A 192 -15.28 5.13 -16.29
CA ASP A 192 -16.49 4.67 -16.98
C ASP A 192 -16.13 4.02 -18.32
N GLU A 193 -15.24 4.67 -19.05
CA GLU A 193 -14.70 4.11 -20.30
C GLU A 193 -14.01 2.77 -20.11
N LEU A 194 -13.13 2.70 -19.11
CA LEU A 194 -12.47 1.45 -18.85
C LEU A 194 -13.46 0.35 -18.48
N ARG A 195 -14.46 0.65 -17.64
CA ARG A 195 -15.47 -0.33 -17.25
CA ARG A 195 -15.45 -0.33 -17.26
C ARG A 195 -16.20 -0.88 -18.49
N GLN A 196 -16.56 -0.01 -19.42
CA GLN A 196 -17.27 -0.43 -20.65
C GLN A 196 -16.39 -1.34 -21.51
N ALA A 197 -15.11 -1.06 -21.58
CA ALA A 197 -14.21 -1.82 -22.49
C ALA A 197 -13.64 -3.10 -21.86
N HIS A 198 -13.73 -3.23 -20.55
CA HIS A 198 -13.02 -4.31 -19.85
C HIS A 198 -13.91 -4.86 -18.76
N ALA A 199 -14.64 -5.91 -19.09
CA ALA A 199 -15.59 -6.50 -18.13
C ALA A 199 -14.86 -7.20 -16.99
N GLN A 200 -13.67 -7.73 -17.25
CA GLN A 200 -12.96 -8.47 -16.21
C GLN A 200 -11.97 -7.54 -15.50
N PRO A 201 -11.98 -7.58 -14.15
CA PRO A 201 -11.10 -6.69 -13.39
C PRO A 201 -9.64 -6.82 -13.76
N GLN A 202 -9.12 -8.03 -13.95
CA GLN A 202 -7.70 -8.19 -14.35
C GLN A 202 -7.37 -7.41 -15.62
N ALA A 203 -8.27 -7.46 -16.59
CA ALA A 203 -8.03 -6.74 -17.84
C ALA A 203 -8.15 -5.25 -17.64
N LEU A 204 -9.04 -4.79 -16.75
CA LEU A 204 -9.18 -3.39 -16.54
C LEU A 204 -7.92 -2.83 -15.85
N VAL A 205 -7.48 -3.53 -14.82
CA VAL A 205 -6.27 -3.13 -14.10
C VAL A 205 -5.08 -3.09 -15.06
N ALA A 206 -4.97 -4.12 -15.89
CA ALA A 206 -3.85 -4.15 -16.90
C ALA A 206 -3.87 -2.92 -17.84
N ALA A 207 -5.06 -2.53 -18.28
CA ALA A 207 -5.20 -1.36 -19.17
C ALA A 207 -4.85 -0.08 -18.45
N LEU A 208 -5.25 0.03 -17.18
CA LEU A 208 -4.87 1.24 -16.44
C LEU A 208 -3.33 1.28 -16.22
N LEU A 209 -2.71 0.14 -15.87
CA LEU A 209 -1.27 0.09 -15.72
C LEU A 209 -0.58 0.43 -17.06
N GLN A 210 -1.18 -0.01 -18.16
CA GLN A 210 -0.58 0.23 -19.47
C GLN A 210 -0.63 1.71 -19.81
N ARG A 211 -1.60 2.46 -19.27
CA ARG A 211 -1.62 3.91 -19.47
C ARG A 211 -0.44 4.62 -18.85
N PHE A 212 -0.09 4.19 -17.65
CA PHE A 212 1.06 4.76 -16.95
C PHE A 212 2.36 4.40 -17.69
N ASN A 213 2.39 3.22 -18.26
CA ASN A 213 3.60 2.73 -18.89
C ASN A 213 3.80 3.33 -20.31
N HIS A 214 2.72 3.43 -21.10
CA HIS A 214 2.77 3.92 -22.46
C HIS A 214 2.69 5.43 -22.56
N GLU A 215 1.87 6.09 -21.76
CA GLU A 215 1.93 7.54 -21.77
C GLU A 215 3.19 8.01 -21.13
N PRO A 216 3.72 9.17 -21.52
CA PRO A 216 4.98 9.61 -20.93
C PRO A 216 4.88 10.20 -19.50
N PHE A 217 4.39 9.40 -18.56
CA PHE A 217 4.38 9.80 -17.15
C PHE A 217 5.81 9.93 -16.60
N ALA A 218 6.02 10.86 -15.69
CA ALA A 218 7.29 11.09 -15.05
C ALA A 218 7.18 10.73 -13.58
N TYR A 219 8.25 10.14 -13.08
CA TYR A 219 8.41 9.85 -11.67
C TYR A 219 9.37 10.88 -11.09
N THR A 220 8.90 11.77 -10.22
CA THR A 220 9.77 12.75 -9.61
C THR A 220 9.29 13.09 -8.22
N LEU A 221 10.26 13.45 -7.38
CA LEU A 221 10.01 13.73 -5.98
C LEU A 221 9.67 15.18 -5.79
N LYS A 222 9.82 15.98 -6.83
CA LYS A 222 9.39 17.38 -6.76
C LYS A 222 8.47 17.71 -7.91
N PRO A 223 7.23 17.20 -7.88
CA PRO A 223 6.36 17.38 -9.04
C PRO A 223 5.66 18.72 -9.02
N PRO A 224 5.04 19.12 -10.13
CA PRO A 224 4.25 20.36 -10.11
C PRO A 224 3.06 20.22 -9.18
N ALA A 225 2.61 21.33 -8.62
CA ALA A 225 1.46 21.30 -7.73
C ALA A 225 0.22 20.99 -8.57
N THR A 226 -0.80 20.50 -7.90
CA THR A 226 -2.08 20.21 -8.56
C THR A 226 -3.16 20.96 -7.79
N GLY A 227 -4.34 21.15 -8.39
CA GLY A 227 -5.44 21.88 -7.74
C GLY A 227 -6.45 21.01 -7.03
N ALA A 228 -7.70 21.48 -7.00
CA ALA A 228 -8.74 20.78 -6.26
C ALA A 228 -9.11 19.44 -6.91
N ASP A 229 -9.05 19.36 -8.23
CA ASP A 229 -9.27 18.07 -8.88
C ASP A 229 -7.91 17.42 -9.08
N GLY A 230 -7.34 16.98 -7.96
CA GLY A 230 -5.96 16.54 -7.90
C GLY A 230 -5.72 15.24 -8.64
N VAL A 231 -6.72 14.36 -8.69
CA VAL A 231 -6.60 13.14 -9.47
C VAL A 231 -6.59 13.45 -10.97
N ASP A 232 -7.55 14.24 -11.42
CA ASP A 232 -7.63 14.67 -12.81
C ASP A 232 -6.36 15.42 -13.21
N ASP A 233 -5.89 16.30 -12.35
CA ASP A 233 -4.73 17.12 -12.68
C ASP A 233 -3.50 16.26 -12.89
N PHE A 234 -3.32 15.26 -12.02
CA PHE A 234 -2.17 14.36 -12.15
C PHE A 234 -2.32 13.45 -13.34
N LEU A 235 -3.49 12.84 -13.52
CA LEU A 235 -3.65 11.86 -14.59
C LEU A 235 -3.61 12.43 -16.00
N PHE A 236 -4.05 13.66 -16.16
CA PHE A 236 -4.25 14.16 -17.51
C PHE A 236 -3.39 15.35 -17.83
N ASP A 237 -3.06 16.14 -16.82
CA ASP A 237 -2.35 17.40 -17.04
C ASP A 237 -0.86 17.31 -16.70
N THR A 238 -0.47 17.15 -15.43
CA THR A 238 0.93 17.14 -15.07
C THR A 238 1.58 15.76 -15.39
N ARG A 239 0.85 14.67 -15.15
CA ARG A 239 1.42 13.34 -15.34
C ARG A 239 2.82 13.21 -14.74
N SER A 240 2.97 13.70 -13.53
CA SER A 240 4.25 13.75 -12.89
C SER A 240 4.02 13.71 -11.39
N GLY A 241 4.68 12.80 -10.72
CA GLY A 241 4.49 12.64 -9.27
C GLY A 241 5.32 11.46 -8.78
N PHE A 242 5.06 11.08 -7.53
CA PHE A 242 5.77 9.96 -6.93
C PHE A 242 4.76 8.91 -6.40
N CYS A 243 5.22 7.93 -5.62
CA CYS A 243 4.42 6.77 -5.33
C CYS A 243 3.00 7.12 -4.84
N ALA A 244 2.86 8.15 -4.06
CA ALA A 244 1.57 8.51 -3.51
C ALA A 244 0.58 8.97 -4.58
N HIS A 245 1.07 9.70 -5.58
CA HIS A 245 0.22 10.13 -6.70
C HIS A 245 -0.28 8.94 -7.50
N TYR A 246 0.65 8.06 -7.87
CA TYR A 246 0.29 6.90 -8.66
C TYR A 246 -0.67 5.97 -7.89
N ALA A 247 -0.35 5.70 -6.63
CA ALA A 247 -1.20 4.81 -5.83
C ALA A 247 -2.61 5.41 -5.65
N GLY A 248 -2.68 6.67 -5.26
CA GLY A 248 -3.96 7.34 -4.98
C GLY A 248 -4.82 7.39 -6.24
N ALA A 249 -4.21 7.81 -7.35
CA ALA A 249 -4.96 7.91 -8.59
C ALA A 249 -5.45 6.58 -9.10
N MET A 250 -4.58 5.55 -8.99
CA MET A 250 -4.99 4.27 -9.40
C MET A 250 -6.17 3.75 -8.55
N ALA A 251 -6.05 3.85 -7.24
CA ALA A 251 -7.16 3.37 -6.35
C ALA A 251 -8.46 4.15 -6.68
N PHE A 252 -8.34 5.45 -6.93
CA PHE A 252 -9.50 6.27 -7.33
C PHE A 252 -10.18 5.71 -8.56
N VAL A 253 -9.43 5.46 -9.63
CA VAL A 253 -10.03 5.04 -10.85
C VAL A 253 -10.64 3.65 -10.76
N LEU A 254 -9.98 2.72 -10.05
CA LEU A 254 -10.56 1.43 -9.79
C LEU A 254 -11.92 1.54 -9.07
N ARG A 255 -11.97 2.31 -8.00
CA ARG A 255 -13.23 2.48 -7.30
C ARG A 255 -14.32 3.05 -8.23
N ALA A 256 -13.95 4.03 -9.03
CA ALA A 256 -14.92 4.66 -9.91
C ALA A 256 -15.39 3.72 -11.03
N ALA A 257 -14.62 2.66 -11.32
CA ALA A 257 -14.96 1.59 -12.23
C ALA A 257 -15.66 0.41 -11.56
N GLY A 258 -15.98 0.56 -10.27
CA GLY A 258 -16.72 -0.45 -9.53
C GLY A 258 -15.92 -1.61 -9.04
N ILE A 259 -14.59 -1.42 -8.91
CA ILE A 259 -13.71 -2.45 -8.33
C ILE A 259 -13.25 -1.96 -6.94
N PRO A 260 -13.54 -2.72 -5.89
CA PRO A 260 -13.09 -2.26 -4.59
C PRO A 260 -11.57 -2.21 -4.56
N ALA A 261 -11.06 -1.10 -4.02
CA ALA A 261 -9.64 -0.85 -4.00
C ALA A 261 -9.28 0.06 -2.86
N ARG A 262 -8.04 -0.06 -2.39
CA ARG A 262 -7.56 0.78 -1.32
C ARG A 262 -6.05 1.01 -1.45
N VAL A 263 -5.61 2.09 -0.83
CA VAL A 263 -4.20 2.42 -0.78
C VAL A 263 -3.54 1.73 0.39
N VAL A 264 -2.36 1.19 0.14
CA VAL A 264 -1.58 0.52 1.19
C VAL A 264 -0.37 1.43 1.45
N ALA A 265 -0.07 1.67 2.72
CA ALA A 265 1.02 2.58 3.13
C ALA A 265 2.00 1.70 3.90
N GLY A 266 3.28 1.93 3.65
CA GLY A 266 4.30 1.19 4.36
C GLY A 266 5.65 1.61 3.92
N TYR A 267 6.53 0.62 3.77
CA TYR A 267 7.88 0.86 3.31
C TYR A 267 8.16 -0.19 2.28
N GLN A 268 9.13 0.07 1.41
CA GLN A 268 9.56 -0.97 0.45
C GLN A 268 11.05 -0.98 0.33
N GLY A 269 11.62 -2.19 0.28
CA GLY A 269 13.04 -2.32 0.12
C GLY A 269 13.77 -2.32 1.45
N GLY A 270 14.89 -1.61 1.48
CA GLY A 270 15.76 -1.54 2.65
C GLY A 270 17.19 -1.72 2.28
N GLU A 271 18.08 -1.47 3.23
CA GLU A 271 19.52 -1.51 2.95
C GLU A 271 20.10 -2.71 3.72
N LEU A 272 20.88 -3.55 3.05
CA LEU A 272 21.46 -4.74 3.63
C LEU A 272 22.76 -4.36 4.32
N ASN A 273 22.93 -4.80 5.55
CA ASN A 273 24.21 -4.76 6.27
C ASN A 273 24.73 -6.21 6.37
N PRO A 274 25.65 -6.56 5.47
CA PRO A 274 26.18 -7.93 5.46
C PRO A 274 26.97 -8.28 6.71
N ALA A 275 27.53 -7.30 7.40
CA ALA A 275 28.30 -7.63 8.62
C ALA A 275 27.44 -8.15 9.78
N GLY A 276 26.15 -7.79 9.81
CA GLY A 276 25.20 -8.22 10.83
C GLY A 276 24.07 -9.08 10.31
N ASN A 277 24.06 -9.33 9.02
CA ASN A 277 23.03 -10.10 8.33
C ASN A 277 21.64 -9.57 8.61
N TYR A 278 21.46 -8.26 8.43
CA TYR A 278 20.12 -7.70 8.60
C TYR A 278 19.89 -6.59 7.61
N LEU A 279 18.63 -6.18 7.49
CA LEU A 279 18.25 -5.05 6.67
C LEU A 279 17.85 -3.91 7.54
N LEU A 280 18.17 -2.71 7.09
CA LEU A 280 17.78 -1.49 7.75
C LEU A 280 16.67 -0.92 6.90
N VAL A 281 15.59 -0.48 7.52
CA VAL A 281 14.53 0.22 6.76
C VAL A 281 14.39 1.62 7.35
N HIS A 282 14.63 2.63 6.55
CA HIS A 282 14.63 3.99 6.99
C HIS A 282 13.34 4.69 6.56
N GLN A 283 13.09 5.86 7.13
CA GLN A 283 11.93 6.63 6.75
C GLN A 283 11.92 6.93 5.25
N PHE A 284 13.10 7.09 4.68
CA PHE A 284 13.18 7.35 3.25
C PHE A 284 12.74 6.20 2.37
N ASP A 285 12.55 5.00 2.94
CA ASP A 285 11.99 3.88 2.23
C ASP A 285 10.46 3.87 2.18
N ALA A 286 9.83 4.91 2.75
CA ALA A 286 8.37 5.01 2.74
C ALA A 286 7.78 4.88 1.35
N HIS A 287 6.65 4.18 1.25
CA HIS A 287 6.12 3.86 -0.05
C HIS A 287 4.62 3.58 0.07
N ALA A 288 3.91 3.82 -1.02
CA ALA A 288 2.48 3.63 -1.13
C ALA A 288 2.17 2.82 -2.38
N TRP A 289 1.26 1.88 -2.24
CA TRP A 289 0.80 1.08 -3.33
C TRP A 289 -0.72 0.81 -3.22
N VAL A 290 -1.21 -0.17 -3.99
CA VAL A 290 -2.64 -0.42 -4.15
C VAL A 290 -2.95 -1.87 -3.94
N GLU A 291 -4.18 -2.16 -3.52
CA GLU A 291 -4.71 -3.49 -3.68
C GLU A 291 -6.18 -3.39 -4.06
N TYR A 292 -6.65 -4.39 -4.78
CA TYR A 292 -8.02 -4.37 -5.35
C TYR A 292 -8.61 -5.79 -5.20
N TRP A 293 -9.94 -5.85 -5.14
CA TRP A 293 -10.66 -7.04 -4.76
C TRP A 293 -11.52 -7.53 -5.91
N GLN A 294 -11.59 -8.84 -6.00
CA GLN A 294 -12.58 -9.48 -6.89
C GLN A 294 -13.00 -10.82 -6.30
N PRO A 295 -14.16 -11.31 -6.71
CA PRO A 295 -14.61 -12.55 -6.09
C PRO A 295 -13.68 -13.71 -6.44
N GLU A 296 -13.54 -14.64 -5.52
CA GLU A 296 -12.77 -15.86 -5.67
C GLU A 296 -11.26 -15.63 -5.56
N GLN A 297 -10.72 -14.74 -6.37
CA GLN A 297 -9.31 -14.41 -6.29
C GLN A 297 -8.97 -13.62 -5.03
N GLY A 298 -9.94 -12.90 -4.51
CA GLY A 298 -9.77 -12.05 -3.33
C GLY A 298 -8.96 -10.79 -3.62
N TRP A 299 -8.24 -10.32 -2.58
CA TRP A 299 -7.42 -9.10 -2.71
C TRP A 299 -6.10 -9.43 -3.40
N LEU A 300 -5.75 -8.59 -4.36
CA LEU A 300 -4.48 -8.66 -5.08
C LEU A 300 -3.80 -7.31 -5.01
N SER A 301 -2.51 -7.33 -4.69
CA SER A 301 -1.70 -6.15 -4.57
C SER A 301 -1.05 -5.78 -5.88
N VAL A 302 -0.87 -4.49 -6.10
CA VAL A 302 -0.29 -3.99 -7.33
C VAL A 302 0.43 -2.68 -7.02
N ASP A 303 1.59 -2.46 -7.67
CA ASP A 303 2.32 -1.22 -7.48
C ASP A 303 2.49 -0.45 -8.78
N PRO A 304 1.67 0.59 -8.98
CA PRO A 304 1.77 1.29 -10.28
C PRO A 304 3.10 2.00 -10.50
N THR A 305 3.85 2.26 -9.42
CA THR A 305 5.21 2.87 -9.52
C THR A 305 6.11 2.01 -10.40
N TYR A 306 5.87 0.73 -10.44
CA TYR A 306 6.64 -0.15 -11.24
C TYR A 306 6.51 0.15 -12.74
N GLN A 307 5.37 0.70 -13.17
CA GLN A 307 5.15 1.06 -14.57
C GLN A 307 5.99 2.27 -15.07
N VAL A 308 6.44 3.12 -14.15
CA VAL A 308 7.16 4.31 -14.50
C VAL A 308 8.59 4.34 -13.96
N ALA A 309 8.83 3.72 -12.80
CA ALA A 309 10.17 3.70 -12.20
C ALA A 309 10.53 2.32 -11.65
N PRO A 310 10.60 1.35 -12.55
CA PRO A 310 10.83 -0.02 -12.08
C PRO A 310 12.18 -0.20 -11.31
N GLU A 311 13.17 0.61 -11.64
CA GLU A 311 14.50 0.60 -11.01
CA GLU A 311 14.49 0.50 -10.99
C GLU A 311 14.45 0.94 -9.54
N ARG A 312 13.54 1.84 -9.18
CA ARG A 312 13.39 2.21 -7.78
C ARG A 312 12.89 1.04 -6.94
N ILE A 313 12.02 0.23 -7.52
CA ILE A 313 11.43 -0.92 -6.82
C ILE A 313 12.41 -2.09 -6.82
N GLU A 314 13.05 -2.32 -7.97
CA GLU A 314 13.92 -3.50 -8.18
C GLU A 314 15.31 -3.44 -7.56
N GLN A 315 15.92 -2.26 -7.46
CA GLN A 315 17.33 -2.14 -7.00
C GLN A 315 17.44 -1.57 -5.59
P PO4 B . 9.96 5.17 -4.00
O1 PO4 B . 11.19 5.10 -3.10
O2 PO4 B . 8.66 5.25 -3.17
O3 PO4 B . 10.07 3.96 -4.92
O4 PO4 B . 10.09 6.39 -4.91
P PO4 C . -18.16 17.72 -10.76
O1 PO4 C . -16.85 18.49 -10.67
O2 PO4 C . -19.23 18.41 -9.95
O3 PO4 C . -18.64 17.57 -12.20
O4 PO4 C . -17.95 16.34 -10.19
P PO4 D . -8.62 21.86 -11.15
O1 PO4 D . -7.83 21.16 -10.07
O2 PO4 D . -8.70 21.04 -12.43
O3 PO4 D . -8.02 23.22 -11.42
O4 PO4 D . -10.01 22.03 -10.59
P PO4 E . -18.73 0.76 6.59
O1 PO4 E . -17.53 0.26 7.39
O2 PO4 E . -20.03 0.57 7.38
O3 PO4 E . -18.46 2.19 6.14
O4 PO4 E . -18.89 -0.14 5.39
HG EMC F . 7.48 7.52 -2.44
C1 EMC F . 9.09 9.13 -2.17
C2 EMC F . 9.35 9.32 -0.75
#